data_9PY7
#
_entry.id   9PY7
#
_cell.length_a   1.00
_cell.length_b   1.00
_cell.length_c   1.00
_cell.angle_alpha   90.00
_cell.angle_beta   90.00
_cell.angle_gamma   90.00
#
_symmetry.space_group_name_H-M   'P 1'
#
loop_
_entity.id
_entity.type
_entity.pdbx_description
1 polymer 'Fab4G10 heavy chain'
2 polymer 'Fab4G10 light chain'
3 polymer 'Sterol regulatory element-binding protein cleavage-activating protein'
4 branched 2-acetamido-2-deoxy-beta-D-glucopyranose-(1-4)-2-acetamido-2-deoxy-beta-D-glucopyranose
5 non-polymer 2-acetamido-2-deoxy-beta-D-glucopyranose
#
loop_
_entity_poly.entity_id
_entity_poly.type
_entity_poly.pdbx_seq_one_letter_code
_entity_poly.pdbx_strand_id
1 'polypeptide(L)'
;TGVHSEVQLQQSGAELVRPGASVKLSCTASGFKIKDDYIHWVKQRPEQGLEWIGRIDPANGHTRYAPKFQDKATITADTS
SNTAYLQLSSLTSEDTAVYYCTRYNDYDAFYFDYWGQGTTLTVSSASTKGPSVFPLAPSSKSTSGGTAALGCLVKDYFPE
PVTVSWNSGALTSGVHTFPAVLQSSGLYSLSSVVTVPSSSLGTQTYICNVNHKPSNTKVDKRVEPKSCDKTGSGATNFSL
LKQAGDVEENPG
;
H
2 'polypeptide(L)'
;TGVHSDIQMTQTTSSLSASLGDRVTISCRASQDIRNYLNWYQQKPDGTVKLLIYYTSRLHSGVPSRFSGSGSGTDYSLTI
SNLEQEDIATYFCQQTNTLPWTFGGGTKLEIKRTVAAPSVFIFPPSDEQLKSGTASVVCLLNNFYPREAKVQWKVDNALQ
SGNSQESVTEQDSKDSTYSLSSTLTLSKADYEKHKVYACEVTHQGLSSPVTKSFNRGECHHHHHHHHHH
;
L
3 'polypeptide(L)'
;MHHHHHHHHTLTERLREKISQAFYNHGLLCASYPIPIILFTGLCILACCYPLLKLPLPGTGPVEFSTPVKDYSPPPVDSD
HKQGEPSEQPEWYVGAPVAYIQQIFVKSSVSPWHKNLLAVDVFRLPLSRAFQLVEEIRNHALRDSSGVKSLEEVCLQVTD
LLPGLRKLRNLLPEHGCLLLSPGNFWQNDWERFHADPDIIGTIHQHEPKTLQTSATLKDLLFGVPGKYSGVSLYTRKRTV
SYTITLVFQRYDSRFLSSLRSRLKLLHPSPNCSLRAENLVHVHFKEEIGIAELIPLVTTYIILFAYIYFSTRKIDMVKSK
WGLALAAVVTVLSSLLMSVGLCTLFGLTPTLNGGEIFPYLVVVIGLENVLVLTKSVVSTPVDLEVKLRIAQGLSSESWSI
MKNVATELGIILIGYFTLVPAIQEFCLFAVVGLVSDFFLQMFFFTTVLSIDIRRMELADLNKRLPPESCLPSAKPVGRPA
RYERQLAVRPAMPHTITLQPSSFRNLRLPKRLRVIYFLARTRLAQRLIMAGTVVWIGILVYTDPAGLRTYLAAQVTEQSP
LGEGSLGPMPVPSGVLPASRPDPAFSIFPPDAPKLPENQTVPGELPEHAAPAEGVHDSRAPEVTWGPEDEELWRRLSFRH
WPTLFNYYNITLAKRYISLLPVIPVTLRLNPQEALEGRQPQDGRSAWAPPESLPAGLWEAGPKGPGGTQAHGDITLYKVA
ALGLAAGIVLVLLLLCLYRVLCPRNYGQPGGGAGRRRRGELPCDDYGYAPPETEIVPLVLRGHLMDIECLASDGMLLVSC
CLAGQVCVWDAQTGDCLTRIPRPGSRRDSCGGGAFETQENWERLSDGGKTSPEEPGESPPLRHRPRGPPQPALFGDQPDL
TCLIDTNFSVQLPPEPTQPEPRHRAGCGRARDSGYDFSRLVQRVYQEEGLAAVRMPALRPPSPGSPLPQASQEDGAAPEK
GSPPLAWAPSTAGSIWSLELQGNLIVVGRSSGRLEVWDAIEGVLCCSNEEVSSGITALVFLDRRIVAARLNGSLDFFSLE
THTSLSPLQFRGTPGRGSSPSSSVYSSSNTVACHLTHTVPCAHQKPITALRAAAGRLVTGSQDHTLRVFRLEDSCCLFTL
QGHSGAITTVYIDQTMVLASGGQDGAICLWDVLTGSRVSHTFAHRGDVTSLTCTTSCVISSGLDDLINIWDRSTGIKLYS
IQQDLGCGASLGVISDNLLVTGGQGCVSFWDLNYGDLLQTVYLGKNSEAQPARQILVLDNAAIVCNFGSELSLVYVPSVL
EKLDDYKDDDDKGSDYKDDDDKGSDYKDDDDK
;
A
#
# COMPACT_ATOMS: atom_id res chain seq x y z
N GLU A 6 -16.24 18.43 -0.81
CA GLU A 6 -15.80 18.88 -2.13
C GLU A 6 -16.04 17.80 -3.17
N VAL A 7 -15.98 16.54 -2.75
CA VAL A 7 -16.23 15.42 -3.64
C VAL A 7 -17.69 15.01 -3.54
N GLN A 8 -18.37 14.98 -4.67
CA GLN A 8 -19.79 14.68 -4.69
C GLN A 8 -20.08 13.62 -5.75
N LEU A 9 -21.09 12.80 -5.48
CA LEU A 9 -21.60 11.82 -6.43
C LEU A 9 -23.10 12.04 -6.55
N GLN A 10 -23.52 12.67 -7.63
CA GLN A 10 -24.91 13.03 -7.84
C GLN A 10 -25.61 11.94 -8.64
N GLN A 11 -26.66 11.36 -8.07
CA GLN A 11 -27.40 10.29 -8.69
C GLN A 11 -28.70 10.80 -9.29
N SER A 12 -29.29 10.00 -10.17
CA SER A 12 -30.49 10.40 -10.88
C SER A 12 -31.70 10.35 -9.95
N GLY A 13 -32.88 10.61 -10.53
CA GLY A 13 -34.12 10.59 -9.77
C GLY A 13 -34.68 9.20 -9.63
N ALA A 14 -35.84 9.14 -8.96
CA ALA A 14 -36.51 7.88 -8.73
C ALA A 14 -37.03 7.29 -10.04
N GLU A 15 -37.21 5.97 -10.05
CA GLU A 15 -37.63 5.25 -11.24
C GLU A 15 -38.83 4.35 -10.92
N LEU A 16 -39.65 4.12 -11.94
CA LEU A 16 -40.79 3.22 -11.82
C LEU A 16 -41.04 2.63 -13.21
N VAL A 17 -40.78 1.33 -13.35
CA VAL A 17 -40.87 0.66 -14.64
C VAL A 17 -41.68 -0.62 -14.50
N ARG A 18 -42.24 -1.06 -15.63
CA ARG A 18 -42.98 -2.30 -15.66
C ARG A 18 -42.03 -3.48 -15.48
N PRO A 19 -42.49 -4.58 -14.87
CA PRO A 19 -41.65 -5.77 -14.79
C PRO A 19 -41.31 -6.30 -16.17
N GLY A 20 -40.09 -6.80 -16.32
CA GLY A 20 -39.61 -7.29 -17.59
C GLY A 20 -38.91 -6.26 -18.45
N ALA A 21 -38.85 -5.00 -18.01
CA ALA A 21 -38.19 -3.93 -18.74
C ALA A 21 -36.76 -3.76 -18.22
N SER A 22 -36.09 -2.70 -18.66
CA SER A 22 -34.73 -2.39 -18.25
C SER A 22 -34.61 -0.92 -17.91
N VAL A 23 -33.68 -0.61 -17.00
CA VAL A 23 -33.43 0.76 -16.57
C VAL A 23 -31.93 1.03 -16.69
N LYS A 24 -31.59 2.31 -16.88
CA LYS A 24 -30.21 2.76 -17.03
C LYS A 24 -29.96 3.83 -15.97
N LEU A 25 -29.49 3.41 -14.80
CA LEU A 25 -29.18 4.36 -13.74
C LEU A 25 -27.93 5.16 -14.08
N SER A 26 -27.77 6.30 -13.41
CA SER A 26 -26.67 7.21 -13.70
C SER A 26 -26.06 7.71 -12.40
N CYS A 27 -24.84 8.21 -12.51
CA CYS A 27 -24.09 8.72 -11.35
C CYS A 27 -23.10 9.77 -11.83
N THR A 28 -23.42 11.03 -11.58
CA THR A 28 -22.54 12.13 -11.98
C THR A 28 -21.54 12.43 -10.86
N ALA A 29 -20.29 12.61 -11.24
CA ALA A 29 -19.19 12.82 -10.30
C ALA A 29 -18.71 14.26 -10.37
N SER A 30 -18.51 14.87 -9.20
CA SER A 30 -17.99 16.23 -9.11
C SER A 30 -16.88 16.26 -8.06
N GLY A 31 -15.90 17.14 -8.28
CA GLY A 31 -14.76 17.24 -7.41
C GLY A 31 -13.64 16.28 -7.69
N PHE A 32 -13.83 15.37 -8.65
CA PHE A 32 -12.79 14.41 -9.03
C PHE A 32 -13.14 13.85 -10.40
N LYS A 33 -12.19 13.13 -10.98
CA LYS A 33 -12.36 12.50 -12.27
C LYS A 33 -12.43 10.99 -12.11
N ILE A 34 -13.37 10.36 -12.82
CA ILE A 34 -13.58 8.93 -12.66
C ILE A 34 -12.43 8.07 -13.17
N LYS A 35 -11.54 8.64 -14.00
CA LYS A 35 -10.36 7.88 -14.40
C LYS A 35 -9.50 7.50 -13.21
N ASP A 36 -9.53 8.33 -12.16
CA ASP A 36 -8.63 8.15 -11.03
C ASP A 36 -9.03 6.98 -10.13
N ASP A 37 -10.31 6.61 -10.10
CA ASP A 37 -10.77 5.64 -9.12
C ASP A 37 -11.89 4.78 -9.69
N TYR A 38 -12.07 3.60 -9.09
CA TYR A 38 -13.20 2.75 -9.43
C TYR A 38 -14.50 3.35 -8.96
N ILE A 39 -15.57 3.07 -9.69
CA ILE A 39 -16.93 3.47 -9.31
C ILE A 39 -17.73 2.19 -9.09
N HIS A 40 -18.39 2.11 -7.94
CA HIS A 40 -19.11 0.90 -7.54
C HIS A 40 -20.61 1.17 -7.50
N TRP A 41 -21.36 0.08 -7.32
CA TRP A 41 -22.80 0.17 -7.14
C TRP A 41 -23.22 -0.83 -6.07
N VAL A 42 -24.06 -0.38 -5.15
CA VAL A 42 -24.49 -1.20 -4.01
C VAL A 42 -26.01 -1.21 -3.99
N LYS A 43 -26.58 -2.39 -3.75
CA LYS A 43 -28.03 -2.59 -3.73
C LYS A 43 -28.50 -2.76 -2.30
N GLN A 44 -29.56 -2.03 -1.94
CA GLN A 44 -30.15 -2.12 -0.62
C GLN A 44 -31.64 -2.38 -0.72
N ARG A 45 -32.09 -3.47 -0.11
CA ARG A 45 -33.50 -3.73 0.06
C ARG A 45 -33.88 -3.56 1.53
N PRO A 46 -35.15 -3.24 1.82
CA PRO A 46 -35.51 -2.92 3.21
C PRO A 46 -35.22 -4.02 4.20
N GLU A 47 -35.21 -5.29 3.78
CA GLU A 47 -35.03 -6.39 4.70
C GLU A 47 -33.83 -7.27 4.39
N GLN A 48 -33.05 -6.98 3.35
CA GLN A 48 -31.92 -7.81 2.97
C GLN A 48 -30.58 -7.10 3.11
N GLY A 49 -30.56 -5.88 3.64
CA GLY A 49 -29.29 -5.21 3.84
C GLY A 49 -28.65 -4.76 2.55
N LEU A 50 -27.36 -4.46 2.65
CA LEU A 50 -26.58 -3.96 1.52
C LEU A 50 -25.93 -5.10 0.76
N GLU A 51 -26.05 -5.07 -0.57
CA GLU A 51 -25.41 -6.04 -1.44
C GLU A 51 -24.52 -5.32 -2.44
N TRP A 52 -23.32 -5.85 -2.63
CA TRP A 52 -22.37 -5.30 -3.60
C TRP A 52 -22.66 -5.87 -4.97
N ILE A 53 -22.87 -4.98 -5.95
CA ILE A 53 -23.25 -5.41 -7.29
C ILE A 53 -22.01 -5.64 -8.14
N GLY A 54 -21.21 -4.60 -8.31
CA GLY A 54 -20.00 -4.71 -9.12
C GLY A 54 -19.30 -3.37 -9.20
N ARG A 55 -18.15 -3.39 -9.85
CA ARG A 55 -17.34 -2.18 -9.99
C ARG A 55 -16.88 -2.04 -11.43
N ILE A 56 -16.35 -0.87 -11.75
CA ILE A 56 -15.76 -0.58 -13.05
C ILE A 56 -14.48 0.19 -12.83
N ASP A 57 -13.57 0.08 -13.80
CA ASP A 57 -12.37 0.90 -13.86
C ASP A 57 -12.48 1.79 -15.10
N PRO A 58 -12.88 3.05 -14.96
CA PRO A 58 -13.13 3.88 -16.14
C PRO A 58 -11.90 4.11 -17.01
N ALA A 59 -10.70 3.89 -16.46
CA ALA A 59 -9.49 4.04 -17.27
C ALA A 59 -9.46 3.05 -18.42
N ASN A 60 -9.81 1.78 -18.14
CA ASN A 60 -9.79 0.73 -19.15
C ASN A 60 -11.11 -0.01 -19.29
N GLY A 61 -12.12 0.30 -18.48
CA GLY A 61 -13.41 -0.31 -18.64
C GLY A 61 -13.51 -1.75 -18.17
N HIS A 62 -12.62 -2.18 -17.27
CA HIS A 62 -12.66 -3.54 -16.75
C HIS A 62 -13.69 -3.63 -15.64
N THR A 63 -14.76 -4.39 -15.88
CA THR A 63 -15.85 -4.54 -14.92
C THR A 63 -15.86 -5.96 -14.38
N ARG A 64 -16.10 -6.09 -13.09
CA ARG A 64 -16.33 -7.39 -12.49
C ARG A 64 -17.49 -7.29 -11.51
N TYR A 65 -18.24 -8.37 -11.39
CA TYR A 65 -19.52 -8.38 -10.71
C TYR A 65 -19.54 -9.48 -9.67
N ALA A 66 -20.50 -9.39 -8.75
CA ALA A 66 -20.78 -10.52 -7.90
C ALA A 66 -21.44 -11.63 -8.72
N PRO A 67 -21.22 -12.89 -8.37
CA PRO A 67 -21.81 -13.98 -9.14
C PRO A 67 -23.34 -13.96 -9.17
N LYS A 68 -23.97 -13.31 -8.19
CA LYS A 68 -25.43 -13.16 -8.24
C LYS A 68 -25.86 -12.27 -9.41
N PHE A 69 -25.11 -11.22 -9.70
CA PHE A 69 -25.49 -10.22 -10.68
C PHE A 69 -24.76 -10.36 -11.99
N GLN A 70 -24.31 -11.57 -12.34
CA GLN A 70 -23.58 -11.76 -13.59
C GLN A 70 -24.47 -11.52 -14.80
N ASP A 71 -25.68 -12.08 -14.79
CA ASP A 71 -26.60 -11.96 -15.91
C ASP A 71 -27.63 -10.86 -15.70
N LYS A 72 -27.46 -10.03 -14.68
CA LYS A 72 -28.41 -8.98 -14.34
C LYS A 72 -27.85 -7.58 -14.52
N ALA A 73 -26.63 -7.33 -14.07
CA ALA A 73 -26.05 -6.00 -14.07
C ALA A 73 -25.13 -5.79 -15.26
N THR A 74 -24.92 -4.52 -15.60
CA THR A 74 -23.98 -4.14 -16.65
C THR A 74 -23.55 -2.71 -16.35
N ILE A 75 -22.35 -2.55 -15.81
CA ILE A 75 -21.85 -1.25 -15.36
C ILE A 75 -20.98 -0.65 -16.45
N THR A 76 -21.32 0.57 -16.87
CA THR A 76 -20.56 1.29 -17.88
C THR A 76 -20.32 2.72 -17.40
N ALA A 77 -19.19 3.29 -17.83
CA ALA A 77 -18.86 4.66 -17.47
C ALA A 77 -18.20 5.34 -18.66
N ASP A 78 -18.32 6.66 -18.70
CA ASP A 78 -17.65 7.45 -19.72
C ASP A 78 -16.96 8.64 -19.06
N THR A 79 -15.70 8.86 -19.42
CA THR A 79 -14.90 9.92 -18.83
C THR A 79 -15.34 11.30 -19.28
N SER A 80 -15.81 11.42 -20.53
CA SER A 80 -16.11 12.74 -21.09
C SER A 80 -17.15 13.49 -20.25
N SER A 81 -18.20 12.81 -19.84
CA SER A 81 -19.21 13.41 -18.97
C SER A 81 -18.96 13.11 -17.50
N ASN A 82 -17.88 12.40 -17.17
CA ASN A 82 -17.51 12.09 -15.78
C ASN A 82 -18.66 11.40 -15.05
N THR A 83 -19.34 10.50 -15.75
CA THR A 83 -20.56 9.86 -15.25
C THR A 83 -20.44 8.35 -15.37
N ALA A 84 -20.91 7.64 -14.35
CA ALA A 84 -20.99 6.19 -14.37
C ALA A 84 -22.44 5.77 -14.45
N TYR A 85 -22.68 4.62 -15.07
CA TYR A 85 -24.04 4.12 -15.29
C TYR A 85 -24.14 2.67 -14.85
N LEU A 86 -25.34 2.30 -14.40
CA LEU A 86 -25.68 0.93 -14.04
C LEU A 86 -26.92 0.51 -14.82
N GLN A 87 -26.86 -0.66 -15.45
CA GLN A 87 -27.97 -1.18 -16.24
C GLN A 87 -28.44 -2.50 -15.64
N LEU A 88 -29.75 -2.62 -15.46
CA LEU A 88 -30.38 -3.83 -14.98
C LEU A 88 -31.36 -4.33 -16.04
N SER A 89 -31.28 -5.61 -16.35
CA SER A 89 -32.10 -6.22 -17.39
C SER A 89 -32.96 -7.32 -16.80
N SER A 90 -34.07 -7.62 -17.49
CA SER A 90 -35.04 -8.62 -17.06
C SER A 90 -35.51 -8.33 -15.64
N LEU A 91 -36.04 -7.13 -15.46
CA LEU A 91 -36.46 -6.68 -14.14
C LEU A 91 -37.67 -7.46 -13.64
N THR A 92 -37.70 -7.72 -12.34
CA THR A 92 -38.80 -8.40 -11.70
C THR A 92 -39.09 -7.71 -10.37
N SER A 93 -40.13 -8.20 -9.68
CA SER A 93 -40.50 -7.61 -8.40
C SER A 93 -39.39 -7.74 -7.36
N GLU A 94 -38.46 -8.69 -7.55
CA GLU A 94 -37.34 -8.83 -6.64
C GLU A 94 -36.30 -7.72 -6.81
N ASP A 95 -36.33 -7.00 -7.92
CA ASP A 95 -35.30 -6.02 -8.22
C ASP A 95 -35.59 -4.63 -7.65
N THR A 96 -36.77 -4.41 -7.08
CA THR A 96 -37.06 -3.12 -6.48
C THR A 96 -36.21 -2.93 -5.23
N ALA A 97 -35.47 -1.82 -5.18
CA ALA A 97 -34.50 -1.57 -4.13
C ALA A 97 -34.04 -0.12 -4.25
N VAL A 98 -33.04 0.24 -3.45
CA VAL A 98 -32.37 1.53 -3.54
C VAL A 98 -30.92 1.26 -3.90
N TYR A 99 -30.46 1.83 -5.01
CA TYR A 99 -29.13 1.56 -5.54
C TYR A 99 -28.23 2.76 -5.27
N TYR A 100 -27.08 2.51 -4.65
CA TYR A 100 -26.14 3.54 -4.28
C TYR A 100 -24.93 3.52 -5.19
N CYS A 101 -24.36 4.70 -5.39
CA CYS A 101 -23.14 4.88 -6.18
C CYS A 101 -22.01 5.28 -5.26
N THR A 102 -20.87 4.62 -5.42
CA THR A 102 -19.75 4.86 -4.51
C THR A 102 -18.43 4.54 -5.21
N ARG A 103 -17.35 5.00 -4.60
CA ARG A 103 -16.00 4.84 -5.12
C ARG A 103 -15.08 4.47 -3.98
N TYR A 104 -13.82 4.18 -4.30
CA TYR A 104 -12.78 4.15 -3.29
C TYR A 104 -11.47 4.67 -3.86
N ASN A 105 -10.67 5.26 -2.98
CA ASN A 105 -9.38 5.84 -3.33
C ASN A 105 -8.19 5.11 -2.75
N ASP A 106 -8.37 4.29 -1.72
CA ASP A 106 -7.30 3.46 -1.18
C ASP A 106 -7.46 2.06 -1.74
N TYR A 107 -6.35 1.47 -2.20
CA TYR A 107 -6.39 0.24 -2.98
C TYR A 107 -5.82 -0.95 -2.22
N ASP A 108 -5.83 -0.89 -0.91
CA ASP A 108 -5.65 -2.09 -0.11
C ASP A 108 -6.77 -2.28 0.90
N ALA A 109 -7.23 -1.21 1.55
CA ALA A 109 -8.38 -1.31 2.43
C ALA A 109 -9.68 -1.41 1.65
N PHE A 110 -9.74 -0.80 0.47
CA PHE A 110 -10.89 -0.87 -0.42
C PHE A 110 -12.17 -0.38 0.25
N TYR A 111 -12.05 0.65 1.10
CA TYR A 111 -13.19 1.22 1.79
C TYR A 111 -13.93 2.16 0.85
N PHE A 112 -15.26 2.06 0.83
CA PHE A 112 -16.05 2.95 -0.01
C PHE A 112 -16.03 4.35 0.59
N ASP A 113 -15.52 5.30 -0.17
CA ASP A 113 -15.13 6.61 0.36
C ASP A 113 -16.31 7.59 0.42
N TYR A 114 -16.91 7.88 -0.73
CA TYR A 114 -18.02 8.83 -0.80
C TYR A 114 -19.19 8.17 -1.52
N TRP A 115 -20.39 8.42 -1.01
CA TRP A 115 -21.60 7.78 -1.50
C TRP A 115 -22.55 8.82 -2.07
N GLY A 116 -23.33 8.40 -3.06
CA GLY A 116 -24.45 9.19 -3.52
C GLY A 116 -25.64 9.04 -2.59
N GLN A 117 -26.70 9.77 -2.91
CA GLN A 117 -27.90 9.69 -2.09
C GLN A 117 -28.79 8.50 -2.44
N GLY A 118 -28.46 7.77 -3.51
CA GLY A 118 -29.22 6.58 -3.86
C GLY A 118 -30.50 6.86 -4.61
N THR A 119 -30.81 6.02 -5.60
CA THR A 119 -32.02 6.16 -6.40
C THR A 119 -32.96 5.01 -6.09
N THR A 120 -34.19 5.35 -5.70
CA THR A 120 -35.20 4.33 -5.44
C THR A 120 -35.76 3.81 -6.75
N LEU A 121 -35.77 2.48 -6.91
CA LEU A 121 -36.27 1.83 -8.10
C LEU A 121 -37.49 1.01 -7.72
N THR A 122 -38.57 1.17 -8.49
CA THR A 122 -39.83 0.51 -8.21
C THR A 122 -40.24 -0.32 -9.42
N VAL A 123 -40.63 -1.57 -9.18
CA VAL A 123 -41.11 -2.47 -10.22
C VAL A 123 -42.48 -2.98 -9.80
N SER A 124 -43.50 -2.66 -10.59
CA SER A 124 -44.84 -3.12 -10.31
C SER A 124 -45.68 -2.95 -11.57
N SER A 125 -46.63 -3.87 -11.77
CA SER A 125 -47.52 -3.78 -12.92
C SER A 125 -48.44 -2.56 -12.82
N ALA A 126 -48.74 -2.12 -11.59
CA ALA A 126 -49.55 -0.93 -11.35
C ALA A 126 -50.91 -1.02 -12.04
N ASP B 6 -18.70 -17.60 -0.39
CA ASP B 6 -18.62 -16.22 0.07
C ASP B 6 -18.36 -16.16 1.57
N ILE B 7 -18.20 -14.94 2.09
CA ILE B 7 -18.01 -14.70 3.51
C ILE B 7 -19.27 -14.04 4.04
N GLN B 8 -19.88 -14.65 5.05
CA GLN B 8 -21.10 -14.12 5.63
C GLN B 8 -20.78 -13.25 6.84
N MET B 9 -21.23 -11.99 6.79
CA MET B 9 -21.06 -11.06 7.89
C MET B 9 -22.37 -11.00 8.67
N THR B 10 -22.28 -11.18 9.98
CA THR B 10 -23.46 -11.30 10.83
C THR B 10 -23.44 -10.25 11.91
N GLN B 11 -24.50 -9.45 11.98
CA GLN B 11 -24.76 -8.54 13.09
C GLN B 11 -25.91 -9.13 13.89
N THR B 12 -25.59 -9.63 15.09
CA THR B 12 -26.57 -10.41 15.85
C THR B 12 -27.79 -9.58 16.22
N THR B 13 -27.58 -8.34 16.66
CA THR B 13 -28.67 -7.47 17.07
C THR B 13 -29.14 -6.66 15.87
N SER B 14 -30.46 -6.64 15.64
CA SER B 14 -31.01 -5.83 14.57
C SER B 14 -31.27 -4.41 15.04
N SER B 15 -31.70 -4.25 16.29
CA SER B 15 -31.93 -2.94 16.89
C SER B 15 -31.19 -2.87 18.22
N LEU B 16 -30.86 -1.65 18.64
CA LEU B 16 -30.07 -1.46 19.85
C LEU B 16 -30.50 -0.15 20.51
N SER B 17 -31.27 -0.25 21.60
CA SER B 17 -31.66 0.93 22.34
C SER B 17 -30.45 1.55 23.03
N ALA B 18 -30.47 2.87 23.16
CA ALA B 18 -29.39 3.61 23.79
C ALA B 18 -29.93 4.92 24.33
N SER B 19 -29.07 5.64 25.06
CA SER B 19 -29.41 6.93 25.62
C SER B 19 -28.26 7.89 25.38
N LEU B 20 -28.59 9.18 25.37
CA LEU B 20 -27.59 10.21 25.08
C LEU B 20 -26.50 10.22 26.16
N GLY B 21 -25.26 10.43 25.74
CA GLY B 21 -24.12 10.40 26.62
C GLY B 21 -23.57 9.01 26.87
N ASP B 22 -24.44 8.00 26.90
CA ASP B 22 -24.00 6.63 27.10
C ASP B 22 -23.15 6.16 25.93
N ARG B 23 -22.15 5.33 26.22
CA ARG B 23 -21.34 4.74 25.17
C ARG B 23 -22.08 3.56 24.56
N VAL B 24 -21.92 3.40 23.25
CA VAL B 24 -22.63 2.39 22.47
C VAL B 24 -21.61 1.55 21.73
N THR B 25 -21.75 0.23 21.80
CA THR B 25 -20.87 -0.71 21.12
C THR B 25 -21.68 -1.53 20.13
N ILE B 26 -21.16 -1.67 18.92
CA ILE B 26 -21.78 -2.45 17.86
C ILE B 26 -20.75 -3.44 17.33
N SER B 27 -21.11 -4.72 17.28
CA SER B 27 -20.18 -5.77 16.93
C SER B 27 -20.78 -6.67 15.86
N CYS B 28 -19.92 -7.16 14.97
CA CYS B 28 -20.35 -8.12 13.95
C CYS B 28 -19.29 -9.20 13.77
N ARG B 29 -19.74 -10.37 13.34
CA ARG B 29 -18.91 -11.57 13.28
C ARG B 29 -18.76 -12.00 11.82
N ALA B 30 -17.52 -12.31 11.43
CA ALA B 30 -17.25 -12.79 10.08
C ALA B 30 -17.34 -14.31 10.03
N SER B 31 -17.71 -14.83 8.87
CA SER B 31 -17.81 -16.27 8.68
C SER B 31 -16.44 -16.94 8.77
N GLN B 32 -15.39 -16.24 8.35
CA GLN B 32 -14.04 -16.77 8.39
C GLN B 32 -13.08 -15.60 8.59
N ASP B 33 -11.79 -15.93 8.70
CA ASP B 33 -10.78 -14.91 8.92
C ASP B 33 -10.75 -13.94 7.75
N ILE B 34 -10.81 -12.65 8.06
CA ILE B 34 -10.78 -11.60 7.04
C ILE B 34 -9.59 -10.66 7.20
N ARG B 35 -8.71 -10.92 8.18
CA ARG B 35 -7.42 -10.24 8.28
C ARG B 35 -7.58 -8.73 8.44
N ASN B 36 -8.41 -8.32 9.39
CA ASN B 36 -8.56 -6.92 9.78
C ASN B 36 -9.02 -6.04 8.63
N TYR B 37 -9.70 -6.62 7.64
CA TYR B 37 -10.25 -5.86 6.52
C TYR B 37 -11.75 -5.65 6.74
N LEU B 38 -12.08 -4.73 7.64
CA LEU B 38 -13.47 -4.43 7.96
C LEU B 38 -13.72 -2.94 7.82
N ASN B 39 -14.87 -2.58 7.26
CA ASN B 39 -15.26 -1.20 7.08
C ASN B 39 -16.58 -0.95 7.78
N TRP B 40 -16.70 0.20 8.44
CA TRP B 40 -17.92 0.58 9.14
C TRP B 40 -18.54 1.79 8.47
N TYR B 41 -19.86 1.72 8.24
CA TYR B 41 -20.59 2.76 7.55
C TYR B 41 -21.77 3.22 8.39
N GLN B 42 -22.18 4.46 8.19
CA GLN B 42 -23.32 5.04 8.89
C GLN B 42 -24.35 5.49 7.85
N GLN B 43 -25.61 5.13 8.08
CA GLN B 43 -26.70 5.48 7.18
C GLN B 43 -27.74 6.28 7.95
N LYS B 44 -27.85 7.57 7.62
CA LYS B 44 -28.84 8.42 8.24
C LYS B 44 -30.25 7.99 7.80
N PRO B 45 -31.27 8.31 8.59
CA PRO B 45 -32.63 7.93 8.19
C PRO B 45 -33.07 8.53 6.87
N ASP B 46 -32.50 9.66 6.46
CA ASP B 46 -32.84 10.24 5.17
C ASP B 46 -32.26 9.44 4.00
N GLY B 47 -31.28 8.59 4.25
CA GLY B 47 -30.69 7.74 3.24
C GLY B 47 -29.24 8.01 2.93
N THR B 48 -28.64 9.07 3.47
CA THR B 48 -27.23 9.34 3.19
C THR B 48 -26.34 8.34 3.93
N VAL B 49 -25.32 7.85 3.23
CA VAL B 49 -24.39 6.86 3.76
C VAL B 49 -23.02 7.51 3.91
N LYS B 50 -22.36 7.23 5.02
CA LYS B 50 -21.09 7.86 5.35
C LYS B 50 -20.12 6.82 5.91
N LEU B 51 -18.87 6.89 5.49
CA LEU B 51 -17.82 6.04 6.04
C LEU B 51 -17.35 6.59 7.38
N LEU B 52 -17.19 5.70 8.35
CA LEU B 52 -16.66 6.07 9.66
C LEU B 52 -15.25 5.54 9.88
N ILE B 53 -15.07 4.24 9.76
CA ILE B 53 -13.81 3.57 10.09
C ILE B 53 -13.50 2.54 9.00
N TYR B 54 -12.24 2.49 8.59
CA TYR B 54 -11.78 1.48 7.65
C TYR B 54 -10.67 0.65 8.28
N TYR B 55 -10.20 -0.34 7.51
CA TYR B 55 -9.27 -1.36 7.97
C TYR B 55 -9.85 -2.03 9.21
N THR B 56 -9.43 -1.62 10.40
CA THR B 56 -10.19 -1.99 11.60
C THR B 56 -10.41 -0.84 12.57
N SER B 57 -9.51 0.14 12.65
CA SER B 57 -9.64 1.23 13.59
C SER B 57 -9.22 2.57 13.03
N ARG B 58 -8.87 2.64 11.75
CA ARG B 58 -8.41 3.90 11.16
C ARG B 58 -9.60 4.82 10.94
N LEU B 59 -9.62 5.94 11.65
CA LEU B 59 -10.71 6.89 11.52
C LEU B 59 -10.64 7.60 10.18
N HIS B 60 -11.77 7.68 9.49
CA HIS B 60 -11.83 8.42 8.24
C HIS B 60 -11.71 9.92 8.51
N SER B 61 -11.20 10.64 7.52
CA SER B 61 -10.98 12.08 7.68
C SER B 61 -12.31 12.80 7.86
N GLY B 62 -12.36 13.65 8.88
CA GLY B 62 -13.57 14.40 9.21
C GLY B 62 -14.50 13.70 10.17
N VAL B 63 -14.36 12.40 10.37
CA VAL B 63 -15.21 11.67 11.30
C VAL B 63 -14.84 12.08 12.73
N PRO B 64 -15.82 12.35 13.60
CA PRO B 64 -15.50 12.77 14.96
C PRO B 64 -14.72 11.70 15.72
N SER B 65 -14.00 12.14 16.75
CA SER B 65 -13.17 11.25 17.55
C SER B 65 -13.98 10.30 18.43
N ARG B 66 -15.30 10.49 18.52
CA ARG B 66 -16.12 9.61 19.33
C ARG B 66 -16.04 8.17 18.85
N PHE B 67 -16.06 7.97 17.54
CA PHE B 67 -16.11 6.63 16.97
C PHE B 67 -14.74 5.96 17.06
N SER B 68 -14.74 4.68 17.41
CA SER B 68 -13.51 3.90 17.46
C SER B 68 -13.85 2.44 17.17
N GLY B 69 -12.88 1.72 16.61
CA GLY B 69 -13.09 0.35 16.25
C GLY B 69 -11.98 -0.54 16.79
N SER B 70 -12.30 -1.82 16.91
CA SER B 70 -11.35 -2.81 17.41
C SER B 70 -11.79 -4.18 16.96
N GLY B 71 -10.87 -5.14 17.07
CA GLY B 71 -11.18 -6.51 16.73
C GLY B 71 -10.11 -7.18 15.87
N SER B 72 -10.14 -8.50 15.82
CA SER B 72 -9.19 -9.25 15.01
C SER B 72 -9.80 -10.61 14.68
N GLY B 73 -9.26 -11.23 13.64
CA GLY B 73 -9.76 -12.51 13.20
C GLY B 73 -11.15 -12.46 12.62
N THR B 74 -12.12 -13.02 13.35
CA THR B 74 -13.50 -13.08 12.90
C THR B 74 -14.44 -12.19 13.71
N ASP B 75 -13.95 -11.57 14.79
CA ASP B 75 -14.77 -10.75 15.66
C ASP B 75 -14.28 -9.32 15.65
N TYR B 76 -15.21 -8.38 15.48
CA TYR B 76 -14.89 -6.96 15.44
C TYR B 76 -16.00 -6.18 16.12
N SER B 77 -15.70 -4.94 16.48
CA SER B 77 -16.68 -4.11 17.18
C SER B 77 -16.47 -2.65 16.84
N LEU B 78 -17.57 -1.89 16.89
CA LEU B 78 -17.56 -0.44 16.74
C LEU B 78 -18.08 0.19 18.02
N THR B 79 -17.35 1.17 18.54
CA THR B 79 -17.73 1.83 19.78
C THR B 79 -17.87 3.33 19.56
N ILE B 80 -18.84 3.93 20.25
CA ILE B 80 -19.05 5.37 20.25
C ILE B 80 -18.86 5.87 21.67
N SER B 81 -17.98 6.85 21.84
CA SER B 81 -17.60 7.29 23.18
C SER B 81 -18.79 7.84 23.94
N ASN B 82 -19.51 8.80 23.35
CA ASN B 82 -20.72 9.34 23.95
C ASN B 82 -21.71 9.66 22.85
N LEU B 83 -22.94 9.20 23.01
CA LEU B 83 -23.92 9.25 21.94
C LEU B 83 -24.54 10.64 21.86
N GLU B 84 -24.47 11.25 20.68
CA GLU B 84 -25.14 12.51 20.40
C GLU B 84 -26.46 12.24 19.68
N GLN B 85 -27.29 13.27 19.60
CA GLN B 85 -28.56 13.14 18.89
C GLN B 85 -28.33 12.85 17.40
N GLU B 86 -27.27 13.42 16.83
CA GLU B 86 -26.96 13.20 15.42
C GLU B 86 -26.41 11.81 15.16
N ASP B 87 -26.08 11.05 16.19
CA ASP B 87 -25.50 9.71 16.02
C ASP B 87 -26.57 8.63 15.85
N ILE B 88 -27.85 8.98 15.89
CA ILE B 88 -28.92 8.00 15.74
C ILE B 88 -29.05 7.68 14.26
N ALA B 89 -28.64 6.48 13.87
CA ALA B 89 -28.64 6.06 12.47
C ALA B 89 -28.46 4.54 12.45
N THR B 90 -28.24 3.98 11.26
CA THR B 90 -28.00 2.56 11.08
C THR B 90 -26.55 2.35 10.67
N TYR B 91 -25.92 1.32 11.24
CA TYR B 91 -24.49 1.07 11.05
C TYR B 91 -24.29 -0.32 10.46
N PHE B 92 -23.44 -0.40 9.43
CA PHE B 92 -23.15 -1.62 8.71
C PHE B 92 -21.65 -1.91 8.77
N CYS B 93 -21.29 -3.19 8.77
CA CYS B 93 -19.90 -3.60 8.68
C CYS B 93 -19.69 -4.32 7.35
N GLN B 94 -18.58 -4.00 6.69
CA GLN B 94 -18.25 -4.58 5.39
C GLN B 94 -16.86 -5.18 5.43
N GLN B 95 -16.73 -6.41 4.96
CA GLN B 95 -15.43 -7.07 4.86
C GLN B 95 -14.87 -6.87 3.46
N THR B 96 -13.55 -6.69 3.38
CA THR B 96 -12.87 -6.49 2.12
C THR B 96 -11.67 -7.42 2.00
N ASN B 97 -11.85 -8.68 2.41
CA ASN B 97 -10.80 -9.68 2.33
C ASN B 97 -10.91 -10.52 1.06
N THR B 98 -12.03 -11.19 0.87
CA THR B 98 -12.28 -11.95 -0.35
C THR B 98 -13.15 -11.11 -1.29
N LEU B 99 -12.83 -11.17 -2.57
CA LEU B 99 -13.27 -10.14 -3.52
C LEU B 99 -14.77 -9.87 -3.53
N PRO B 100 -15.67 -10.86 -3.42
CA PRO B 100 -17.09 -10.50 -3.35
C PRO B 100 -17.45 -9.86 -2.01
N TRP B 101 -17.24 -8.55 -1.91
CA TRP B 101 -17.48 -7.84 -0.67
C TRP B 101 -18.91 -8.08 -0.17
N THR B 102 -19.03 -8.34 1.13
CA THR B 102 -20.32 -8.60 1.75
C THR B 102 -20.52 -7.67 2.93
N PHE B 103 -21.76 -7.23 3.12
CA PHE B 103 -22.14 -6.35 4.21
C PHE B 103 -22.92 -7.12 5.25
N GLY B 104 -22.92 -6.59 6.47
CA GLY B 104 -23.73 -7.13 7.54
C GLY B 104 -25.17 -6.69 7.44
N GLY B 105 -25.99 -7.22 8.34
CA GLY B 105 -27.40 -6.87 8.33
C GLY B 105 -27.70 -5.46 8.77
N GLY B 106 -26.83 -4.87 9.59
CA GLY B 106 -27.03 -3.51 10.04
C GLY B 106 -27.75 -3.42 11.37
N THR B 107 -27.31 -2.50 12.22
CA THR B 107 -27.92 -2.27 13.53
C THR B 107 -28.49 -0.86 13.57
N LYS B 108 -29.72 -0.73 14.06
CA LYS B 108 -30.39 0.56 14.14
C LYS B 108 -30.44 1.01 15.59
N LEU B 109 -30.09 2.27 15.81
CA LEU B 109 -30.06 2.84 17.16
C LEU B 109 -31.40 3.47 17.52
N GLU B 110 -31.69 3.49 18.82
CA GLU B 110 -32.93 4.08 19.32
C GLU B 110 -32.65 4.98 20.51
N ILE B 111 -33.72 5.43 21.18
CA ILE B 111 -33.62 6.24 22.39
C ILE B 111 -34.41 5.54 23.48
N LYS B 112 -33.83 5.49 24.69
CA LYS B 112 -34.51 4.86 25.81
C LYS B 112 -35.78 5.61 26.17
N ARG B 113 -36.82 4.87 26.50
CA ARG B 113 -38.14 5.42 26.78
C ARG B 113 -38.60 4.95 28.16
N THR B 114 -39.70 5.54 28.62
CA THR B 114 -40.28 5.25 29.93
C THR B 114 -39.25 5.35 31.05
N THR C 60 30.60 11.55 -17.46
CA THR C 60 30.92 12.78 -16.77
C THR C 60 30.26 12.83 -15.40
N GLY C 61 28.94 12.70 -15.38
CA GLY C 61 28.18 12.70 -14.16
C GLY C 61 26.72 12.35 -14.39
N PRO C 62 26.02 11.97 -13.32
CA PRO C 62 24.60 11.59 -13.44
C PRO C 62 23.70 12.82 -13.49
N VAL C 63 23.11 13.06 -14.65
CA VAL C 63 22.13 14.13 -14.82
C VAL C 63 20.75 13.60 -14.46
N GLU C 64 19.85 14.51 -14.13
CA GLU C 64 18.54 14.12 -13.62
C GLU C 64 17.45 14.91 -14.31
N PHE C 65 16.24 14.37 -14.26
CA PHE C 65 15.04 15.02 -14.80
C PHE C 65 13.84 14.41 -14.10
N SER C 66 12.95 15.26 -13.59
CA SER C 66 11.86 14.82 -12.75
C SER C 66 10.51 15.13 -13.39
N THR C 67 9.60 14.16 -13.32
CA THR C 67 8.24 14.28 -13.84
C THR C 67 7.24 13.89 -12.76
N PRO C 68 6.05 14.49 -12.79
CA PRO C 68 5.06 14.18 -11.75
C PRO C 68 4.55 12.75 -11.84
N VAL C 69 4.16 12.22 -10.68
CA VAL C 69 3.61 10.87 -10.61
C VAL C 69 2.15 10.81 -11.04
N LYS C 70 1.44 11.94 -11.02
CA LYS C 70 -0.01 11.94 -11.20
C LYS C 70 -0.41 11.26 -12.50
N ASP C 71 0.18 11.68 -13.62
CA ASP C 71 -0.10 11.10 -14.92
C ASP C 71 1.23 10.80 -15.60
N TYR C 72 1.71 9.57 -15.47
CA TYR C 72 3.00 9.16 -16.01
C TYR C 72 2.81 8.14 -17.12
N SER C 73 3.62 8.27 -18.17
CA SER C 73 3.71 7.31 -19.25
C SER C 73 5.09 7.48 -19.86
N PRO C 74 5.79 6.39 -20.14
CA PRO C 74 7.14 6.49 -20.70
C PRO C 74 7.12 7.21 -22.03
N PRO C 75 8.16 7.98 -22.34
CA PRO C 75 8.16 8.74 -23.58
C PRO C 75 8.20 7.82 -24.78
N PRO C 76 7.62 8.24 -25.90
CA PRO C 76 7.69 7.43 -27.12
C PRO C 76 9.13 7.31 -27.62
N VAL C 77 9.42 6.15 -28.21
CA VAL C 77 10.80 5.86 -28.61
C VAL C 77 11.14 6.55 -29.93
N ASP C 78 10.28 6.43 -30.94
CA ASP C 78 10.58 6.98 -32.26
C ASP C 78 9.35 7.59 -32.93
N SER C 79 8.38 8.05 -32.14
CA SER C 79 7.22 8.71 -32.73
C SER C 79 7.60 10.02 -33.41
N ASP C 80 8.52 10.77 -32.83
CA ASP C 80 9.01 12.02 -33.40
C ASP C 80 10.46 11.83 -33.85
N HIS C 81 10.71 12.06 -35.14
CA HIS C 81 12.08 11.96 -35.63
C HIS C 81 12.98 13.01 -35.00
N LYS C 82 12.47 14.24 -34.87
CA LYS C 82 13.20 15.32 -34.22
C LYS C 82 12.30 15.96 -33.17
N GLN C 83 12.81 16.07 -31.95
CA GLN C 83 12.06 16.68 -30.87
C GLN C 83 11.94 18.18 -31.09
N GLY C 84 10.87 18.78 -30.55
CA GLY C 84 10.68 20.21 -30.70
C GLY C 84 11.81 21.00 -30.09
N GLU C 85 12.10 22.14 -30.71
CA GLU C 85 13.19 23.02 -30.29
C GLU C 85 13.01 23.53 -28.87
N PRO C 86 11.83 24.05 -28.47
CA PRO C 86 11.69 24.57 -27.10
C PRO C 86 11.32 23.49 -26.09
N SER C 87 11.47 22.22 -26.46
CA SER C 87 11.12 21.13 -25.56
C SER C 87 12.02 21.16 -24.33
N GLU C 88 11.40 21.02 -23.15
CA GLU C 88 12.14 21.04 -21.90
C GLU C 88 12.74 19.69 -21.53
N GLN C 89 12.30 18.62 -22.18
CA GLN C 89 12.80 17.30 -21.84
C GLN C 89 14.24 17.15 -22.31
N PRO C 90 15.08 16.44 -21.55
CA PRO C 90 16.44 16.15 -22.01
C PRO C 90 16.43 15.22 -23.20
N GLU C 91 17.49 15.30 -24.00
CA GLU C 91 17.57 14.52 -25.23
C GLU C 91 17.78 13.03 -24.96
N TRP C 92 18.22 12.65 -23.76
CA TRP C 92 18.38 11.25 -23.41
C TRP C 92 17.10 10.64 -22.87
N TYR C 93 16.08 11.44 -22.59
CA TYR C 93 14.81 10.97 -22.03
C TYR C 93 13.89 10.55 -23.17
N VAL C 94 14.29 9.47 -23.85
CA VAL C 94 13.64 9.01 -25.07
C VAL C 94 12.80 7.76 -24.84
N GLY C 95 13.45 6.66 -24.45
CA GLY C 95 12.79 5.37 -24.37
C GLY C 95 12.31 5.04 -22.98
N ALA C 96 11.79 3.83 -22.84
CA ALA C 96 11.41 3.33 -21.52
C ALA C 96 12.66 3.11 -20.67
N PRO C 97 12.54 3.27 -19.35
CA PRO C 97 13.71 3.11 -18.49
C PRO C 97 14.18 1.66 -18.46
N VAL C 98 15.45 1.49 -18.09
CA VAL C 98 15.96 0.14 -17.86
C VAL C 98 15.18 -0.53 -16.74
N ALA C 99 14.91 0.21 -15.66
CA ALA C 99 14.15 -0.33 -14.54
C ALA C 99 13.59 0.81 -13.73
N TYR C 100 12.53 0.52 -12.99
CA TYR C 100 11.97 1.44 -12.00
C TYR C 100 12.40 0.97 -10.62
N ILE C 101 13.20 1.77 -9.94
CA ILE C 101 13.71 1.43 -8.62
C ILE C 101 12.74 1.95 -7.57
N GLN C 102 12.10 1.03 -6.85
CA GLN C 102 11.23 1.38 -5.74
C GLN C 102 11.91 1.00 -4.44
N GLN C 103 12.06 1.97 -3.55
CA GLN C 103 12.77 1.78 -2.29
C GLN C 103 11.78 1.87 -1.14
N ILE C 104 11.82 0.88 -0.25
CA ILE C 104 11.00 0.88 0.95
C ILE C 104 11.92 1.19 2.11
N PHE C 105 11.94 2.45 2.53
CA PHE C 105 12.83 2.89 3.60
C PHE C 105 12.26 2.46 4.95
N VAL C 106 12.99 1.62 5.65
CA VAL C 106 12.54 1.04 6.91
C VAL C 106 13.33 1.71 8.04
N LYS C 107 12.64 2.48 8.87
CA LYS C 107 13.23 3.10 10.04
C LYS C 107 12.59 2.55 11.29
N SER C 108 13.34 2.55 12.39
CA SER C 108 12.90 1.93 13.63
C SER C 108 13.34 2.80 14.79
N SER C 109 12.89 2.43 15.99
CA SER C 109 13.29 3.10 17.22
C SER C 109 12.95 2.20 18.40
N VAL C 110 13.95 1.92 19.24
CA VAL C 110 13.74 1.19 20.48
C VAL C 110 13.36 2.25 21.52
N SER C 111 12.04 2.40 21.76
CA SER C 111 11.56 3.57 22.50
C SER C 111 12.07 3.61 23.93
N PRO C 112 11.84 2.57 24.77
CA PRO C 112 12.39 2.64 26.14
C PRO C 112 13.82 2.08 26.22
N TRP C 113 14.73 2.72 25.50
CA TRP C 113 16.12 2.30 25.47
C TRP C 113 16.71 2.26 26.87
N HIS C 114 17.45 1.19 27.17
CA HIS C 114 18.14 1.07 28.45
C HIS C 114 19.52 0.47 28.21
N LYS C 115 20.32 0.44 29.27
CA LYS C 115 21.75 0.20 29.16
C LYS C 115 22.11 -1.24 28.83
N ASN C 116 21.16 -2.17 28.85
CA ASN C 116 21.47 -3.57 28.59
C ASN C 116 21.45 -3.90 27.10
N LEU C 117 21.10 -2.95 26.23
CA LEU C 117 21.18 -3.18 24.80
C LEU C 117 22.64 -3.11 24.33
N LEU C 118 22.95 -3.91 23.32
CA LEU C 118 24.29 -3.97 22.76
C LEU C 118 24.25 -3.62 21.28
N ALA C 119 25.45 -3.48 20.70
CA ALA C 119 25.54 -3.10 19.29
C ALA C 119 24.95 -4.16 18.38
N VAL C 120 25.02 -5.43 18.78
CA VAL C 120 24.49 -6.51 17.95
C VAL C 120 22.97 -6.38 17.82
N ASP C 121 22.30 -6.00 18.91
CA ASP C 121 20.85 -5.88 18.88
C ASP C 121 20.40 -4.73 17.96
N VAL C 122 21.22 -3.68 17.85
CA VAL C 122 20.90 -2.57 16.96
C VAL C 122 20.74 -3.04 15.53
N PHE C 123 21.46 -4.10 15.16
CA PHE C 123 21.28 -4.72 13.84
C PHE C 123 20.21 -5.79 13.86
N ARG C 124 20.18 -6.63 14.89
CA ARG C 124 19.27 -7.79 14.87
C ARG C 124 17.81 -7.37 14.92
N LEU C 125 17.47 -6.37 15.74
CA LEU C 125 16.07 -6.00 15.91
C LEU C 125 15.42 -5.52 14.62
N PRO C 126 16.01 -4.60 13.85
CA PRO C 126 15.35 -4.20 12.59
C PRO C 126 15.46 -5.26 11.50
N LEU C 127 16.59 -5.95 11.42
CA LEU C 127 16.79 -6.93 10.35
C LEU C 127 15.95 -8.18 10.55
N SER C 128 15.49 -8.45 11.76
CA SER C 128 14.59 -9.59 11.97
C SER C 128 13.28 -9.38 11.23
N ARG C 129 12.79 -8.15 11.17
CA ARG C 129 11.58 -7.82 10.44
C ARG C 129 11.79 -7.81 8.93
N ALA C 130 13.05 -7.79 8.47
CA ALA C 130 13.32 -7.68 7.04
C ALA C 130 12.81 -8.89 6.28
N PHE C 131 12.97 -10.09 6.85
CA PHE C 131 12.54 -11.30 6.15
C PHE C 131 11.03 -11.34 5.98
N GLN C 132 10.29 -11.01 7.05
CA GLN C 132 8.84 -10.97 6.95
C GLN C 132 8.38 -9.88 6.00
N LEU C 133 9.07 -8.73 6.02
CA LEU C 133 8.71 -7.64 5.11
C LEU C 133 8.92 -8.06 3.65
N VAL C 134 10.04 -8.73 3.37
CA VAL C 134 10.30 -9.22 2.02
C VAL C 134 9.26 -10.24 1.60
N GLU C 135 8.91 -11.16 2.50
CA GLU C 135 7.90 -12.15 2.16
C GLU C 135 6.55 -11.50 1.87
N GLU C 136 6.18 -10.50 2.69
CA GLU C 136 4.93 -9.78 2.46
C GLU C 136 4.94 -9.05 1.12
N ILE C 137 6.05 -8.40 0.79
CA ILE C 137 6.16 -7.70 -0.48
C ILE C 137 6.07 -8.67 -1.64
N ARG C 138 6.76 -9.81 -1.54
CA ARG C 138 6.79 -10.77 -2.63
C ARG C 138 5.42 -11.42 -2.83
N ASN C 139 4.72 -11.72 -1.74
CA ASN C 139 3.42 -12.39 -1.83
C ASN C 139 2.27 -11.40 -1.94
N HIS C 140 2.54 -10.10 -1.94
CA HIS C 140 1.46 -9.12 -2.04
C HIS C 140 0.74 -9.26 -3.38
N ALA C 141 -0.59 -9.22 -3.33
CA ALA C 141 -1.42 -9.30 -4.51
C ALA C 141 -2.54 -8.28 -4.40
N LEU C 142 -2.84 -7.62 -5.52
CA LEU C 142 -3.92 -6.63 -5.56
C LEU C 142 -5.24 -7.39 -5.63
N ARG C 143 -6.04 -7.28 -4.56
CA ARG C 143 -7.22 -8.14 -4.42
C ARG C 143 -8.36 -7.73 -5.34
N ASP C 144 -8.37 -6.50 -5.83
CA ASP C 144 -9.41 -6.02 -6.75
C ASP C 144 -8.77 -5.42 -7.98
N SER C 145 -7.81 -6.14 -8.55
CA SER C 145 -7.05 -5.63 -9.68
C SER C 145 -7.88 -5.61 -10.95
N SER C 146 -7.55 -4.66 -11.84
CA SER C 146 -8.03 -4.67 -13.21
C SER C 146 -6.94 -5.03 -14.21
N GLY C 147 -5.68 -4.86 -13.84
CA GLY C 147 -4.56 -5.24 -14.67
C GLY C 147 -3.70 -6.31 -14.04
N VAL C 148 -2.51 -5.94 -13.58
CA VAL C 148 -1.61 -6.89 -12.95
C VAL C 148 -2.05 -7.16 -11.51
N LYS C 149 -1.64 -8.31 -10.99
CA LYS C 149 -2.02 -8.74 -9.64
C LYS C 149 -0.83 -8.89 -8.72
N SER C 150 0.23 -9.58 -9.16
CA SER C 150 1.33 -9.94 -8.29
C SER C 150 2.62 -9.27 -8.76
N LEU C 151 3.61 -9.28 -7.86
CA LEU C 151 4.92 -8.71 -8.16
C LEU C 151 5.63 -9.43 -9.30
N GLU C 152 5.31 -10.71 -9.54
CA GLU C 152 5.99 -11.48 -10.57
C GLU C 152 5.71 -10.92 -11.96
N GLU C 153 4.54 -10.33 -12.17
CA GLU C 153 4.17 -9.85 -13.50
C GLU C 153 4.86 -8.54 -13.88
N VAL C 154 5.42 -7.82 -12.91
CA VAL C 154 5.98 -6.50 -13.20
C VAL C 154 7.44 -6.36 -12.80
N CYS C 155 7.94 -7.12 -11.83
CA CYS C 155 9.31 -6.87 -11.41
C CYS C 155 10.31 -7.48 -12.39
N LEU C 156 11.55 -6.99 -12.33
CA LEU C 156 12.57 -7.35 -13.29
C LEU C 156 13.13 -8.73 -12.96
N GLN C 157 13.31 -9.56 -13.99
CA GLN C 157 13.80 -10.92 -13.83
C GLN C 157 15.29 -10.98 -14.19
N VAL C 158 16.07 -11.63 -13.33
CA VAL C 158 17.50 -11.81 -13.54
C VAL C 158 17.80 -13.31 -13.52
N THR C 159 18.61 -13.76 -14.47
CA THR C 159 18.87 -15.18 -14.60
C THR C 159 20.12 -15.61 -13.86
N ASP C 160 21.29 -15.10 -14.26
CA ASP C 160 22.57 -15.51 -13.70
C ASP C 160 23.44 -14.29 -13.44
N LEU C 161 24.30 -14.40 -12.43
CA LEU C 161 25.36 -13.43 -12.25
C LEU C 161 26.45 -13.67 -13.29
N LEU C 162 27.33 -12.69 -13.45
CA LEU C 162 28.44 -12.82 -14.38
C LEU C 162 29.37 -13.94 -13.91
N PRO C 163 29.98 -14.70 -14.82
CA PRO C 163 31.01 -15.65 -14.41
C PRO C 163 32.17 -14.92 -13.75
N GLY C 164 32.76 -15.56 -12.76
CA GLY C 164 33.75 -14.93 -11.91
C GLY C 164 33.19 -14.30 -10.65
N LEU C 165 31.87 -14.30 -10.48
CA LEU C 165 31.22 -13.84 -9.26
C LEU C 165 30.75 -15.02 -8.41
N ARG C 166 31.54 -16.10 -8.42
CA ARG C 166 31.30 -17.22 -7.51
C ARG C 166 31.28 -16.76 -6.06
N LYS C 167 32.10 -15.77 -5.72
CA LYS C 167 32.10 -15.24 -4.36
C LYS C 167 30.80 -14.52 -4.05
N LEU C 168 30.18 -13.90 -5.04
CA LEU C 168 28.92 -13.18 -4.83
C LEU C 168 27.69 -14.05 -5.04
N ARG C 169 27.85 -15.29 -5.51
CA ARG C 169 26.72 -16.19 -5.59
C ARG C 169 26.20 -16.52 -4.19
N ASN C 170 24.90 -16.75 -4.11
CA ASN C 170 24.16 -16.97 -2.86
C ASN C 170 24.14 -15.74 -1.96
N LEU C 171 24.65 -14.60 -2.44
CA LEU C 171 24.53 -13.32 -1.74
C LEU C 171 23.67 -12.32 -2.48
N LEU C 172 23.53 -12.47 -3.79
CA LEU C 172 22.63 -11.71 -4.63
C LEU C 172 21.60 -12.63 -5.27
N PRO C 173 20.37 -12.17 -5.45
CA PRO C 173 19.33 -13.07 -5.97
C PRO C 173 19.60 -13.52 -7.39
N GLU C 174 19.14 -14.72 -7.71
CA GLU C 174 19.27 -15.28 -9.04
C GLU C 174 18.01 -16.09 -9.36
N HIS C 175 17.75 -16.24 -10.67
CA HIS C 175 16.64 -17.05 -11.16
C HIS C 175 15.30 -16.60 -10.58
N GLY C 176 15.06 -15.30 -10.63
CA GLY C 176 13.80 -14.79 -10.11
C GLY C 176 13.81 -13.28 -10.04
N CYS C 177 12.93 -12.76 -9.19
CA CYS C 177 12.76 -11.32 -9.05
C CYS C 177 14.01 -10.69 -8.44
N LEU C 178 14.33 -9.48 -8.91
CA LEU C 178 15.49 -8.74 -8.41
C LEU C 178 15.04 -7.89 -7.23
N LEU C 179 14.97 -8.54 -6.07
CA LEU C 179 14.60 -7.88 -4.82
C LEU C 179 15.80 -7.94 -3.89
N LEU C 180 16.23 -6.77 -3.40
CA LEU C 180 17.40 -6.67 -2.54
C LEU C 180 16.99 -6.23 -1.14
N SER C 181 17.66 -6.79 -0.15
CA SER C 181 17.40 -6.49 1.25
C SER C 181 18.55 -7.06 2.07
N PRO C 182 18.70 -6.63 3.33
CA PRO C 182 19.76 -7.21 4.17
C PRO C 182 19.60 -8.71 4.39
N GLY C 183 18.42 -9.27 4.16
CA GLY C 183 18.24 -10.71 4.30
C GLY C 183 18.98 -11.54 3.28
N ASN C 184 19.47 -10.92 2.21
CA ASN C 184 20.23 -11.68 1.21
C ASN C 184 21.55 -12.19 1.76
N PHE C 185 22.03 -11.64 2.86
CA PHE C 185 23.23 -12.18 3.50
C PHE C 185 22.99 -13.60 3.98
N TRP C 186 21.80 -13.85 4.54
CA TRP C 186 21.42 -15.17 5.01
C TRP C 186 20.45 -15.86 4.05
N GLN C 187 20.31 -15.34 2.83
CA GLN C 187 19.58 -16.00 1.76
C GLN C 187 18.08 -16.08 2.05
N ASN C 188 17.54 -15.02 2.65
CA ASN C 188 16.12 -14.94 2.97
C ASN C 188 15.67 -16.13 3.81
N ASP C 189 16.54 -16.56 4.71
CA ASP C 189 16.26 -17.68 5.62
C ASP C 189 16.35 -17.16 7.04
N TRP C 190 15.19 -16.91 7.66
CA TRP C 190 15.19 -16.42 9.03
C TRP C 190 15.84 -17.43 9.97
N GLU C 191 15.78 -18.71 9.65
CA GLU C 191 16.45 -19.70 10.48
C GLU C 191 17.96 -19.51 10.45
N ARG C 192 18.53 -19.30 9.26
CA ARG C 192 19.96 -19.01 9.17
C ARG C 192 20.30 -17.71 9.88
N PHE C 193 19.44 -16.70 9.73
CA PHE C 193 19.67 -15.43 10.43
C PHE C 193 19.69 -15.63 11.94
N HIS C 194 18.79 -16.46 12.46
CA HIS C 194 18.71 -16.68 13.89
C HIS C 194 19.88 -17.53 14.38
N ALA C 195 20.36 -18.44 13.53
CA ALA C 195 21.48 -19.29 13.91
C ALA C 195 22.85 -18.68 13.63
N ASP C 196 22.89 -17.52 13.00
CA ASP C 196 24.18 -16.88 12.71
C ASP C 196 24.82 -16.38 13.99
N PRO C 197 26.04 -16.80 14.33
CA PRO C 197 26.66 -16.35 15.58
C PRO C 197 27.13 -14.90 15.56
N ASP C 198 27.43 -14.34 14.39
CA ASP C 198 27.91 -12.95 14.31
C ASP C 198 27.24 -12.26 13.12
N ILE C 199 26.14 -11.57 13.41
CA ILE C 199 25.42 -10.81 12.38
C ILE C 199 26.31 -9.74 11.79
N ILE C 200 27.03 -9.00 12.65
CA ILE C 200 27.89 -7.93 12.17
C ILE C 200 29.04 -8.51 11.35
N GLY C 201 29.61 -9.63 11.80
CA GLY C 201 30.66 -10.26 11.03
C GLY C 201 30.19 -10.70 9.66
N THR C 202 29.00 -11.29 9.57
CA THR C 202 28.47 -11.67 8.28
C THR C 202 28.22 -10.47 7.38
N ILE C 203 27.66 -9.39 7.96
CA ILE C 203 27.35 -8.21 7.17
C ILE C 203 28.62 -7.57 6.62
N HIS C 204 29.65 -7.44 7.45
CA HIS C 204 30.89 -6.79 7.05
C HIS C 204 31.96 -7.76 6.59
N GLN C 205 31.58 -9.00 6.29
CA GLN C 205 32.55 -9.99 5.83
C GLN C 205 33.19 -9.57 4.51
N HIS C 206 32.40 -9.02 3.59
CA HIS C 206 32.88 -8.67 2.27
C HIS C 206 33.19 -7.18 2.12
N GLU C 207 33.62 -6.53 3.19
CA GLU C 207 33.93 -5.10 3.14
C GLU C 207 35.39 -4.89 2.74
N PRO C 208 35.66 -4.12 1.70
CA PRO C 208 37.06 -3.80 1.37
C PRO C 208 37.69 -2.96 2.45
N LYS C 209 39.00 -3.15 2.63
CA LYS C 209 39.76 -2.39 3.61
C LYS C 209 40.10 -0.99 3.13
N THR C 210 39.87 -0.68 1.86
CA THR C 210 40.13 0.64 1.32
C THR C 210 38.95 1.05 0.44
N LEU C 211 38.83 2.36 0.23
CA LEU C 211 37.75 2.87 -0.61
C LEU C 211 37.90 2.38 -2.04
N GLN C 212 36.78 2.00 -2.64
CA GLN C 212 36.76 1.49 -4.00
C GLN C 212 35.68 2.21 -4.79
N THR C 213 35.87 2.26 -6.11
CA THR C 213 34.90 2.91 -6.98
C THR C 213 33.55 2.18 -6.94
N SER C 214 33.58 0.85 -6.99
CA SER C 214 32.35 0.08 -7.00
C SER C 214 31.70 0.08 -5.62
N ALA C 215 30.37 0.06 -5.60
CA ALA C 215 29.63 -0.01 -4.35
C ALA C 215 29.86 -1.35 -3.68
N THR C 216 29.99 -1.33 -2.36
CA THR C 216 30.21 -2.55 -1.61
C THR C 216 28.93 -3.39 -1.54
N LEU C 217 29.09 -4.65 -1.16
CA LEU C 217 27.93 -5.54 -1.06
C LEU C 217 26.97 -5.07 0.02
N LYS C 218 27.49 -4.62 1.16
CA LYS C 218 26.62 -4.10 2.20
C LYS C 218 25.85 -2.88 1.72
N ASP C 219 26.52 -1.98 1.00
CA ASP C 219 25.83 -0.80 0.46
C ASP C 219 24.76 -1.21 -0.53
N LEU C 220 25.05 -2.18 -1.39
CA LEU C 220 24.06 -2.64 -2.36
C LEU C 220 22.85 -3.26 -1.68
N LEU C 221 23.08 -4.09 -0.67
CA LEU C 221 21.97 -4.78 -0.02
C LEU C 221 21.15 -3.85 0.87
N PHE C 222 21.81 -2.96 1.62
CA PHE C 222 21.08 -2.04 2.49
C PHE C 222 20.41 -0.92 1.70
N GLY C 223 20.99 -0.51 0.57
CA GLY C 223 20.42 0.57 -0.21
C GLY C 223 20.42 1.89 0.52
N VAL C 224 21.38 2.11 1.42
CA VAL C 224 21.37 3.24 2.34
C VAL C 224 22.79 3.77 2.47
N PRO C 225 22.99 5.08 2.60
CA PRO C 225 24.34 5.59 2.86
C PRO C 225 24.91 5.05 4.16
N GLY C 226 26.25 5.02 4.22
CA GLY C 226 26.92 4.37 5.34
C GLY C 226 26.63 5.04 6.67
N LYS C 227 26.38 6.35 6.66
CA LYS C 227 26.16 7.07 7.91
C LYS C 227 24.86 6.66 8.60
N TYR C 228 23.92 6.07 7.87
CA TYR C 228 22.68 5.59 8.47
C TYR C 228 22.79 4.16 8.98
N SER C 229 23.97 3.55 8.88
CA SER C 229 24.20 2.20 9.40
C SER C 229 25.57 2.14 10.05
N GLY C 230 26.03 0.94 10.36
CA GLY C 230 27.30 0.87 11.07
C GLY C 230 27.12 0.91 12.57
N VAL C 231 28.08 0.33 13.27
CA VAL C 231 27.98 0.16 14.72
C VAL C 231 28.09 1.47 15.49
N SER C 232 28.30 2.60 14.80
CA SER C 232 28.38 3.87 15.49
C SER C 232 27.03 4.35 16.01
N LEU C 233 25.93 3.93 15.40
CA LEU C 233 24.61 4.36 15.83
C LEU C 233 24.27 3.91 17.24
N TYR C 234 24.90 2.83 17.72
CA TYR C 234 24.64 2.37 19.08
C TYR C 234 25.03 3.43 20.10
N THR C 235 26.16 4.09 19.89
CA THR C 235 26.58 5.16 20.81
C THR C 235 25.60 6.31 20.79
N ARG C 236 25.12 6.69 19.60
CA ARG C 236 24.15 7.77 19.47
C ARG C 236 22.73 7.34 19.82
N LYS C 237 22.54 6.08 20.21
CA LYS C 237 21.26 5.56 20.68
C LYS C 237 20.22 5.50 19.58
N ARG C 238 20.65 5.60 18.33
CA ARG C 238 19.77 5.44 17.19
C ARG C 238 19.70 3.97 16.80
N THR C 239 19.13 3.69 15.64
CA THR C 239 18.90 2.33 15.19
C THR C 239 19.18 2.24 13.70
N VAL C 240 19.79 1.14 13.27
CA VAL C 240 20.14 0.96 11.87
C VAL C 240 18.88 0.98 11.02
N SER C 241 18.91 1.80 9.96
CA SER C 241 17.81 1.90 9.02
C SER C 241 18.28 1.39 7.67
N TYR C 242 17.50 0.51 7.06
CA TYR C 242 17.84 -0.12 5.79
C TYR C 242 16.75 0.17 4.77
N THR C 243 16.89 -0.47 3.60
CA THR C 243 15.94 -0.25 2.51
C THR C 243 15.79 -1.53 1.71
N ILE C 244 14.55 -1.90 1.42
CA ILE C 244 14.26 -3.00 0.51
C ILE C 244 14.12 -2.43 -0.89
N THR C 245 15.00 -2.87 -1.79
CA THR C 245 15.09 -2.30 -3.13
C THR C 245 14.33 -3.19 -4.09
N LEU C 246 13.21 -2.70 -4.62
CA LEU C 246 12.44 -3.40 -5.63
C LEU C 246 12.79 -2.83 -7.00
N VAL C 247 13.12 -3.73 -7.93
CA VAL C 247 13.47 -3.35 -9.30
C VAL C 247 12.36 -3.85 -10.21
N PHE C 248 11.69 -2.92 -10.88
CA PHE C 248 10.55 -3.23 -11.73
C PHE C 248 10.92 -3.14 -13.20
N GLN C 249 10.49 -4.11 -13.98
CA GLN C 249 10.57 -4.03 -15.43
C GLN C 249 9.47 -3.16 -16.02
N ARG C 250 8.27 -3.20 -15.43
CA ARG C 250 7.14 -2.42 -15.89
C ARG C 250 6.63 -1.54 -14.74
N TYR C 251 5.98 -0.45 -15.10
CA TYR C 251 5.41 0.49 -14.14
C TYR C 251 3.90 0.28 -14.11
N ASP C 252 3.36 -0.03 -12.93
CA ASP C 252 1.91 -0.15 -12.75
C ASP C 252 1.52 0.73 -11.57
N SER C 253 0.83 1.83 -11.86
CA SER C 253 0.46 2.78 -10.83
C SER C 253 -0.45 2.15 -9.79
N ARG C 254 -1.40 1.34 -10.23
CA ARG C 254 -2.36 0.76 -9.29
C ARG C 254 -1.69 -0.25 -8.37
N PHE C 255 -0.81 -1.10 -8.92
CA PHE C 255 -0.08 -2.04 -8.08
C PHE C 255 0.83 -1.32 -7.09
N LEU C 256 1.51 -0.27 -7.55
CA LEU C 256 2.40 0.45 -6.66
C LEU C 256 1.62 1.16 -5.55
N SER C 257 0.48 1.75 -5.89
CA SER C 257 -0.36 2.38 -4.88
C SER C 257 -0.87 1.36 -3.87
N SER C 258 -1.29 0.19 -4.34
CA SER C 258 -1.75 -0.85 -3.44
C SER C 258 -0.63 -1.31 -2.52
N LEU C 259 0.57 -1.48 -3.05
CA LEU C 259 1.71 -1.89 -2.22
C LEU C 259 2.03 -0.84 -1.17
N ARG C 260 2.04 0.43 -1.57
CA ARG C 260 2.32 1.50 -0.62
C ARG C 260 1.26 1.57 0.48
N SER C 261 -0.02 1.45 0.10
CA SER C 261 -1.09 1.51 1.09
C SER C 261 -1.06 0.30 2.00
N ARG C 262 -0.73 -0.89 1.46
CA ARG C 262 -0.62 -2.07 2.30
C ARG C 262 0.50 -1.94 3.31
N LEU C 263 1.66 -1.45 2.87
CA LEU C 263 2.77 -1.24 3.80
C LEU C 263 2.42 -0.19 4.85
N LYS C 264 1.74 0.88 4.43
CA LYS C 264 1.32 1.92 5.38
C LYS C 264 0.33 1.37 6.40
N LEU C 265 -0.60 0.53 5.97
CA LEU C 265 -1.54 -0.09 6.90
C LEU C 265 -0.83 -1.02 7.87
N LEU C 266 0.13 -1.80 7.38
CA LEU C 266 0.83 -2.75 8.24
C LEU C 266 1.70 -2.03 9.26
N HIS C 267 2.48 -1.04 8.81
CA HIS C 267 3.41 -0.31 9.67
C HIS C 267 3.17 1.18 9.49
N PRO C 268 2.14 1.73 10.13
CA PRO C 268 1.88 3.17 10.02
C PRO C 268 3.06 3.99 10.55
N SER C 269 3.36 5.08 9.86
CA SER C 269 4.47 5.95 10.23
C SER C 269 3.93 7.27 10.78
N PRO C 270 4.02 7.52 12.09
CA PRO C 270 3.51 8.78 12.62
C PRO C 270 4.36 9.96 12.21
N ASN C 271 3.70 11.13 12.13
CA ASN C 271 4.37 12.39 11.79
C ASN C 271 5.09 12.30 10.45
N CYS C 272 4.47 11.62 9.49
CA CYS C 272 5.03 11.44 8.15
C CYS C 272 4.20 12.24 7.17
N SER C 273 4.85 13.12 6.42
CA SER C 273 4.20 13.97 5.43
C SER C 273 5.04 14.04 4.16
N LEU C 274 5.55 12.90 3.72
CA LEU C 274 6.37 12.86 2.51
C LEU C 274 5.53 13.21 1.29
N ARG C 275 6.13 14.00 0.39
CA ARG C 275 5.36 14.53 -0.74
C ARG C 275 4.93 13.44 -1.70
N ALA C 276 5.87 12.58 -2.12
CA ALA C 276 5.61 11.53 -3.10
C ALA C 276 4.87 12.07 -4.32
N GLU C 277 5.50 13.04 -4.99
CA GLU C 277 4.86 13.77 -6.07
C GLU C 277 5.55 13.64 -7.42
N ASN C 278 6.84 13.32 -7.46
CA ASN C 278 7.57 13.30 -8.71
C ASN C 278 8.45 12.05 -8.79
N LEU C 279 8.51 11.48 -9.99
CA LEU C 279 9.57 10.53 -10.32
C LEU C 279 10.86 11.29 -10.60
N VAL C 280 11.98 10.58 -10.51
CA VAL C 280 13.28 11.13 -10.87
C VAL C 280 13.96 10.17 -11.82
N HIS C 281 14.40 10.66 -12.97
CA HIS C 281 15.08 9.87 -13.97
C HIS C 281 16.55 10.23 -13.97
N VAL C 282 17.41 9.23 -13.83
CA VAL C 282 18.86 9.42 -13.74
C VAL C 282 19.49 8.82 -14.99
N HIS C 283 20.30 9.63 -15.68
CA HIS C 283 20.99 9.20 -16.89
C HIS C 283 22.47 9.07 -16.61
N PHE C 284 23.05 7.93 -16.98
CA PHE C 284 24.47 7.66 -16.78
C PHE C 284 25.18 7.81 -18.12
N LYS C 285 26.15 8.72 -18.17
CA LYS C 285 26.89 8.95 -19.40
C LYS C 285 27.97 7.89 -19.59
N GLU C 286 28.53 7.85 -20.79
CA GLU C 286 29.59 6.90 -21.09
C GLU C 286 30.88 7.32 -20.41
N GLU C 287 31.74 6.34 -20.14
CA GLU C 287 33.03 6.56 -19.51
C GLU C 287 34.13 6.08 -20.44
N ILE C 288 35.02 7.00 -20.82
CA ILE C 288 36.11 6.71 -21.74
C ILE C 288 37.41 7.20 -21.12
N GLY C 289 38.42 6.33 -21.08
CA GLY C 289 39.71 6.69 -20.53
C GLY C 289 40.82 6.58 -21.55
N ILE C 290 40.62 5.72 -22.56
CA ILE C 290 41.60 5.49 -23.62
C ILE C 290 42.95 5.07 -23.04
N ASP C 617 16.42 9.90 31.11
CA ASP C 617 17.84 9.99 30.84
C ASP C 617 18.17 9.44 29.45
N SER C 618 17.55 8.31 29.10
CA SER C 618 17.81 7.70 27.81
C SER C 618 17.39 8.61 26.67
N ARG C 619 16.10 8.90 26.56
CA ARG C 619 15.55 9.76 25.52
C ARG C 619 15.94 9.27 24.14
N ALA C 620 15.47 8.06 23.81
CA ALA C 620 15.77 7.47 22.52
C ALA C 620 15.23 8.36 21.40
N PRO C 621 16.03 8.71 20.40
CA PRO C 621 15.55 9.57 19.32
C PRO C 621 14.33 8.98 18.63
N GLU C 622 13.30 9.80 18.47
CA GLU C 622 12.08 9.37 17.81
C GLU C 622 12.29 9.32 16.30
N VAL C 623 11.59 8.39 15.65
CA VAL C 623 11.63 8.29 14.20
C VAL C 623 11.08 9.58 13.62
N THR C 624 11.90 10.31 12.88
CA THR C 624 11.51 11.56 12.26
C THR C 624 11.54 11.42 10.74
N TRP C 625 10.47 11.85 10.09
CA TRP C 625 10.36 11.84 8.63
C TRP C 625 10.31 13.28 8.15
N GLY C 626 11.25 13.67 7.31
CA GLY C 626 11.34 15.02 6.83
C GLY C 626 11.77 15.08 5.38
N PRO C 627 12.14 16.27 4.91
CA PRO C 627 12.55 16.43 3.51
C PRO C 627 13.83 15.68 3.15
N GLU C 628 14.65 15.29 4.12
CA GLU C 628 15.88 14.56 3.84
C GLU C 628 15.67 13.07 3.73
N ASP C 629 14.51 12.56 4.16
CA ASP C 629 14.25 11.13 4.07
C ASP C 629 13.89 10.69 2.66
N GLU C 630 13.13 11.51 1.92
CA GLU C 630 13.01 11.26 0.50
C GLU C 630 14.26 11.76 -0.21
N GLU C 631 14.46 11.26 -1.43
CA GLU C 631 15.65 11.57 -2.21
C GLU C 631 16.93 11.16 -1.47
N LEU C 632 16.85 10.08 -0.68
CA LEU C 632 18.03 9.57 0.00
C LEU C 632 18.97 8.84 -0.94
N TRP C 633 18.49 8.43 -2.11
CA TRP C 633 19.35 7.79 -3.09
C TRP C 633 20.43 8.73 -3.62
N ARG C 634 20.22 10.04 -3.50
CA ARG C 634 21.22 11.00 -3.96
C ARG C 634 22.50 10.95 -3.14
N ARG C 635 22.42 10.44 -1.92
CA ARG C 635 23.58 10.37 -1.03
C ARG C 635 24.33 9.05 -1.15
N LEU C 636 23.90 8.15 -2.03
CA LEU C 636 24.61 6.91 -2.26
C LEU C 636 25.83 7.17 -3.14
N SER C 637 26.63 6.12 -3.36
CA SER C 637 27.78 6.23 -4.24
C SER C 637 27.32 6.49 -5.67
N PHE C 638 28.15 7.21 -6.42
CA PHE C 638 27.80 7.52 -7.80
C PHE C 638 27.90 6.31 -8.72
N ARG C 639 28.46 5.20 -8.24
CA ARG C 639 28.53 3.96 -9.00
C ARG C 639 27.61 2.89 -8.44
N HIS C 640 26.64 3.27 -7.60
CA HIS C 640 25.78 2.30 -6.93
C HIS C 640 24.97 1.50 -7.94
N TRP C 641 24.09 2.18 -8.67
CA TRP C 641 23.21 1.52 -9.63
C TRP C 641 23.98 0.88 -10.79
N PRO C 642 24.98 1.56 -11.39
CA PRO C 642 25.78 0.85 -12.41
C PRO C 642 26.46 -0.39 -11.88
N THR C 643 26.98 -0.35 -10.65
CA THR C 643 27.60 -1.52 -10.06
C THR C 643 26.59 -2.64 -9.88
N LEU C 644 25.40 -2.31 -9.40
CA LEU C 644 24.36 -3.33 -9.22
C LEU C 644 23.97 -3.95 -10.54
N PHE C 645 23.77 -3.14 -11.57
CA PHE C 645 23.26 -3.65 -12.84
C PHE C 645 24.33 -4.34 -13.67
N ASN C 646 25.61 -4.02 -13.48
CA ASN C 646 26.65 -4.71 -14.22
C ASN C 646 26.86 -6.13 -13.72
N TYR C 647 26.46 -6.44 -12.48
CA TYR C 647 26.61 -7.79 -11.95
C TYR C 647 25.76 -8.78 -12.74
N TYR C 648 24.65 -8.33 -13.30
CA TYR C 648 23.75 -9.19 -14.06
C TYR C 648 23.89 -8.98 -15.57
N ASN C 649 25.02 -8.43 -16.01
CA ASN C 649 25.27 -8.14 -17.43
C ASN C 649 24.17 -7.26 -18.02
N ILE C 650 23.78 -6.22 -17.27
CA ILE C 650 22.83 -5.21 -17.74
C ILE C 650 23.57 -3.88 -17.77
N THR C 651 23.55 -3.21 -18.91
CA THR C 651 24.33 -2.00 -19.11
C THR C 651 23.45 -0.77 -19.02
N LEU C 652 23.98 0.29 -18.42
CA LEU C 652 23.30 1.56 -18.29
C LEU C 652 24.02 2.69 -19.03
N ALA C 653 24.88 2.33 -19.99
CA ALA C 653 25.72 3.34 -20.63
C ALA C 653 24.90 4.31 -21.46
N LYS C 654 23.99 3.81 -22.28
CA LYS C 654 23.19 4.66 -23.15
C LYS C 654 21.84 5.03 -22.54
N ARG C 655 21.38 4.31 -21.52
CA ARG C 655 20.01 4.39 -21.06
C ARG C 655 19.96 5.02 -19.68
N TYR C 656 18.74 5.12 -19.14
CA TYR C 656 18.47 5.76 -17.87
C TYR C 656 17.57 4.89 -17.02
N ILE C 657 17.43 5.26 -15.75
CA ILE C 657 16.56 4.57 -14.81
C ILE C 657 15.65 5.59 -14.15
N SER C 658 14.54 5.11 -13.60
CA SER C 658 13.57 5.95 -12.91
C SER C 658 13.48 5.53 -11.46
N LEU C 659 13.54 6.51 -10.56
CA LEU C 659 13.53 6.26 -9.12
C LEU C 659 12.19 6.75 -8.56
N LEU C 660 11.36 5.80 -8.13
CA LEU C 660 10.05 6.12 -7.60
C LEU C 660 10.17 6.75 -6.22
N PRO C 661 9.18 7.54 -5.81
CA PRO C 661 9.20 8.10 -4.45
C PRO C 661 9.20 7.01 -3.40
N VAL C 662 9.91 7.28 -2.29
CA VAL C 662 10.16 6.26 -1.30
C VAL C 662 8.89 5.94 -0.52
N ILE C 663 8.78 4.69 -0.09
CA ILE C 663 7.65 4.22 0.71
C ILE C 663 8.10 4.16 2.16
N PRO C 664 7.55 4.99 3.06
CA PRO C 664 8.02 5.00 4.45
C PRO C 664 7.43 3.84 5.24
N VAL C 665 8.29 3.15 5.98
CA VAL C 665 7.88 2.07 6.88
C VAL C 665 8.55 2.30 8.23
N THR C 666 7.75 2.29 9.29
CA THR C 666 8.24 2.53 10.64
C THR C 666 7.93 1.33 11.51
N LEU C 667 8.94 0.87 12.26
CA LEU C 667 8.81 -0.26 13.17
C LEU C 667 8.96 0.22 14.60
N ARG C 668 8.07 -0.25 15.47
CA ARG C 668 8.17 0.02 16.91
C ARG C 668 8.73 -1.22 17.59
N LEU C 669 9.97 -1.12 18.06
CA LEU C 669 10.65 -2.23 18.69
C LEU C 669 10.80 -1.96 20.19
N ASN C 670 11.01 -3.03 20.95
CA ASN C 670 11.15 -2.92 22.38
C ASN C 670 12.41 -3.63 22.85
N PRO C 671 13.01 -3.18 23.96
CA PRO C 671 14.24 -3.81 24.43
C PRO C 671 14.04 -5.21 24.97
N GLN C 672 12.81 -5.56 25.38
CA GLN C 672 12.56 -6.89 25.91
C GLN C 672 12.78 -7.96 24.84
N GLU C 673 12.45 -7.65 23.59
CA GLU C 673 12.72 -8.58 22.49
C GLU C 673 14.20 -8.92 22.41
N ALA C 674 15.06 -7.89 22.43
CA ALA C 674 16.49 -8.12 22.34
C ALA C 674 17.02 -8.83 23.58
N LEU C 675 16.52 -8.46 24.76
CA LEU C 675 16.98 -9.10 25.99
C LEU C 675 16.63 -10.58 25.99
N GLU C 676 15.43 -10.93 25.55
CA GLU C 676 15.04 -12.33 25.47
C GLU C 676 15.74 -13.07 24.34
N GLY C 677 16.12 -12.36 23.27
CA GLY C 677 16.90 -12.94 22.21
C GLY C 677 18.39 -12.86 22.41
N ARG C 678 18.84 -12.47 23.60
CA ARG C 678 20.26 -12.44 23.91
C ARG C 678 20.89 -13.82 23.69
N GLN C 679 22.09 -13.81 23.13
CA GLN C 679 22.78 -15.02 22.71
C GLN C 679 24.17 -15.06 23.33
N PRO C 680 24.78 -16.25 23.43
CA PRO C 680 26.21 -16.31 23.77
C PRO C 680 27.04 -15.69 22.66
N GLN C 681 28.36 -15.53 22.89
CA GLN C 681 29.20 -14.75 22.00
C GLN C 681 28.62 -13.36 21.79
N ASP C 682 28.33 -12.68 22.91
CA ASP C 682 27.46 -11.51 22.88
C ASP C 682 28.19 -10.26 22.40
N GLY C 683 29.20 -9.82 23.16
CA GLY C 683 29.82 -8.55 22.88
C GLY C 683 31.10 -8.64 22.07
N ARG C 684 31.40 -9.83 21.57
CA ARG C 684 32.59 -10.06 20.76
C ARG C 684 32.16 -10.38 19.33
N SER C 685 32.75 -9.68 18.38
CA SER C 685 32.45 -9.87 16.96
C SER C 685 33.75 -9.90 16.18
N ALA C 686 33.78 -10.74 15.14
CA ALA C 686 34.98 -10.86 14.31
C ALA C 686 35.01 -9.77 13.25
N TRP C 687 34.86 -8.51 13.68
CA TRP C 687 34.90 -7.39 12.76
C TRP C 687 35.20 -6.12 13.56
N ALA C 688 36.32 -5.47 13.24
CA ALA C 688 36.72 -4.24 13.90
C ALA C 688 36.74 -3.13 12.87
N PRO C 689 35.84 -2.16 12.94
CA PRO C 689 35.87 -1.06 11.98
C PRO C 689 37.15 -0.26 12.12
N PRO C 690 37.70 0.25 11.01
CA PRO C 690 38.95 1.01 11.09
C PRO C 690 38.81 2.29 11.91
N GLU C 691 39.52 2.35 13.03
CA GLU C 691 39.49 3.50 13.91
C GLU C 691 40.86 4.10 14.16
N SER C 692 41.91 3.53 13.59
CA SER C 692 43.28 4.00 13.77
C SER C 692 43.67 4.05 15.24
#